data_7V2U
#
_entry.id   7V2U
#
_cell.length_a   101.224
_cell.length_b   101.224
_cell.length_c   131.898
_cell.angle_alpha   90.000
_cell.angle_beta   90.000
_cell.angle_gamma   120.000
#
_symmetry.space_group_name_H-M   'P 61 2 2'
#
loop_
_entity.id
_entity.type
_entity.pdbx_description
1 polymer dioxygenase
2 non-polymer '2-OXOGLUTARIC ACID'
3 non-polymer 'FE (II) ION'
4 non-polymer (1S,5S,6S)-5-methyl-1-[(1S,2S)-2-methyl-1,2,3-tris(oxidanyl)propyl]-2-oxa-7,9-diazabicyclo[4.2.2]decane-8,10-dione
5 non-polymer GLYCEROL
6 non-polymer 'CHLORIDE ION'
7 water water
#
_entity_poly.entity_id   1
_entity_poly.type   'polypeptide(L)'
_entity_poly.pdbx_seq_one_letter_code
;MTDHARGTLPEIRRGRIYRDVYHKRVDEEPVDRTADLERARLGDDGLDFQDDAAQARAFAQGVFLLEIPEWLDLSAGDRF
ARQFFQGTGVEPYGKYRDLSSEHFGDELLGYHSRVDQLEQFLLERRFWGEVYPSEIATLGEHLTLLSHRVLRSVLASAGI
PEEDWHRASGGCSETNGSYHLTFNHYRSAHQDIGLSSHKDDGFITVLRTTAQGLEVNRDDVWEKVPVDPACFVVNFGLSM
EILTSACVTPLSAIMHRVSHQNFDRSSFGHFSSSRCLPGADDGIYRYLPSAGLERVCGSRELIEENDHEIYMGTEGQGLE
HHHHHHHH
;
_entity_poly.pdbx_strand_id   A
#
# COMPACT_ATOMS: atom_id res chain seq x y z
N ARG A 33 -16.00 -17.25 1.61
CA ARG A 33 -15.95 -16.80 2.99
C ARG A 33 -14.55 -16.26 3.35
N THR A 34 -13.54 -17.13 3.45
CA THR A 34 -12.18 -16.71 3.78
C THR A 34 -11.22 -17.09 2.66
N ALA A 35 -10.55 -16.08 2.10
CA ALA A 35 -9.57 -16.32 1.03
C ALA A 35 -8.44 -17.20 1.53
N ASP A 36 -7.98 -18.11 0.67
CA ASP A 36 -6.79 -18.90 0.96
C ASP A 36 -5.67 -18.31 0.11
N LEU A 37 -4.79 -17.54 0.75
CA LEU A 37 -3.78 -16.79 0.04
C LEU A 37 -2.46 -17.53 0.05
N GLU A 38 -1.67 -17.33 -1.00
CA GLU A 38 -0.31 -17.84 -0.98
C GLU A 38 0.52 -17.03 0.01
N ARG A 39 1.49 -17.72 0.61
CA ARG A 39 2.41 -17.15 1.61
CA ARG A 39 2.41 -17.12 1.58
C ARG A 39 3.81 -17.12 1.01
N ALA A 40 4.49 -15.97 1.11
CA ALA A 40 5.85 -15.83 0.59
C ALA A 40 6.75 -15.27 1.67
N ARG A 41 8.05 -15.42 1.47
CA ARG A 41 9.04 -14.71 2.28
C ARG A 41 10.09 -14.12 1.36
N LEU A 42 10.77 -13.09 1.85
CA LEU A 42 11.92 -12.53 1.14
C LEU A 42 13.16 -13.35 1.50
N GLY A 43 13.85 -13.89 0.50
CA GLY A 43 15.05 -14.67 0.74
C GLY A 43 16.24 -14.19 -0.08
N ASP A 44 17.26 -15.04 -0.17
CA ASP A 44 18.52 -14.66 -0.81
C ASP A 44 18.32 -14.23 -2.27
N ASP A 45 17.34 -14.80 -2.95
CA ASP A 45 17.11 -14.51 -4.37
C ASP A 45 15.93 -13.58 -4.60
N GLY A 46 15.28 -13.08 -3.55
CA GLY A 46 14.05 -12.33 -3.75
C GLY A 46 12.86 -13.05 -3.16
N LEU A 47 11.67 -12.82 -3.73
CA LEU A 47 10.44 -13.39 -3.20
C LEU A 47 10.44 -14.90 -3.41
N ASP A 48 10.29 -15.65 -2.31
CA ASP A 48 10.23 -17.11 -2.38
C ASP A 48 8.82 -17.56 -1.98
N PHE A 49 8.08 -18.08 -2.95
CA PHE A 49 6.85 -18.82 -2.72
C PHE A 49 7.18 -20.31 -2.60
N GLN A 50 6.16 -21.14 -2.31
CA GLN A 50 6.45 -22.56 -2.13
C GLN A 50 6.90 -23.20 -3.44
N ASP A 51 6.43 -22.69 -4.58
CA ASP A 51 6.80 -23.21 -5.90
C ASP A 51 6.35 -22.19 -6.93
N ASP A 52 6.71 -22.45 -8.19
CA ASP A 52 6.43 -21.49 -9.25
C ASP A 52 4.94 -21.35 -9.52
N ALA A 53 4.17 -22.42 -9.37
CA ALA A 53 2.73 -22.30 -9.58
C ALA A 53 2.10 -21.39 -8.53
N ALA A 54 2.55 -21.50 -7.27
CA ALA A 54 2.04 -20.66 -6.20
C ALA A 54 2.34 -19.19 -6.44
N GLN A 55 3.56 -18.89 -6.92
CA GLN A 55 3.88 -17.51 -7.25
C GLN A 55 2.98 -16.98 -8.36
N ALA A 56 2.70 -17.81 -9.37
CA ALA A 56 1.87 -17.37 -10.48
C ALA A 56 0.44 -17.06 -10.01
N ARG A 57 -0.13 -17.92 -9.16
CA ARG A 57 -1.45 -17.65 -8.59
C ARG A 57 -1.43 -16.34 -7.80
N ALA A 58 -0.47 -16.20 -6.89
CA ALA A 58 -0.36 -15.00 -6.08
C ALA A 58 -0.33 -13.74 -6.92
N PHE A 59 0.53 -13.73 -7.95
CA PHE A 59 0.65 -12.54 -8.80
C PHE A 59 -0.59 -12.35 -9.66
N ALA A 60 -1.24 -13.44 -10.08
CA ALA A 60 -2.48 -13.31 -10.87
C ALA A 60 -3.62 -12.78 -10.02
N GLN A 61 -3.74 -13.24 -8.77
CA GLN A 61 -4.76 -12.71 -7.86
C GLN A 61 -4.47 -11.27 -7.46
N GLY A 62 -3.21 -10.86 -7.41
CA GLY A 62 -2.88 -9.53 -6.97
C GLY A 62 -2.80 -9.33 -5.47
N VAL A 63 -2.76 -10.40 -4.67
CA VAL A 63 -2.68 -10.27 -3.22
C VAL A 63 -2.05 -11.54 -2.67
N PHE A 64 -1.20 -11.39 -1.64
CA PHE A 64 -0.63 -12.55 -0.98
C PHE A 64 -0.09 -12.13 0.37
N LEU A 65 0.30 -13.12 1.16
CA LEU A 65 0.89 -12.90 2.48
C LEU A 65 2.41 -12.88 2.37
N LEU A 66 3.05 -12.00 3.16
CA LEU A 66 4.50 -11.89 3.20
C LEU A 66 4.99 -11.97 4.64
N GLU A 67 5.88 -12.92 4.92
CA GLU A 67 6.35 -13.10 6.27
C GLU A 67 7.12 -11.88 6.74
N ILE A 68 6.84 -11.45 7.96
CA ILE A 68 7.50 -10.27 8.54
C ILE A 68 8.87 -10.68 9.03
N PRO A 69 9.94 -9.99 8.64
CA PRO A 69 11.28 -10.33 9.14
C PRO A 69 11.30 -10.32 10.66
N GLU A 70 11.93 -11.35 11.26
CA GLU A 70 11.92 -11.47 12.71
C GLU A 70 12.58 -10.28 13.39
N TRP A 71 13.54 -9.62 12.74
CA TRP A 71 14.22 -8.50 13.36
C TRP A 71 13.42 -7.20 13.30
N LEU A 72 12.32 -7.13 12.54
CA LEU A 72 11.61 -5.88 12.29
C LEU A 72 10.59 -5.60 13.40
N ASP A 73 10.78 -4.50 14.12
CA ASP A 73 9.91 -4.12 15.23
C ASP A 73 8.76 -3.29 14.70
N LEU A 74 7.53 -3.79 14.84
CA LEU A 74 6.34 -3.08 14.39
C LEU A 74 5.57 -2.43 15.53
N SER A 75 6.10 -2.48 16.75
CA SER A 75 5.29 -2.10 17.91
C SER A 75 5.07 -0.59 17.96
N ALA A 76 6.02 0.21 17.50
CA ALA A 76 5.80 1.65 17.47
C ALA A 76 4.77 2.02 16.41
N GLY A 77 4.84 1.38 15.23
CA GLY A 77 3.83 1.60 14.21
C GLY A 77 2.43 1.19 14.68
N ASP A 78 2.33 0.03 15.35
CA ASP A 78 1.05 -0.40 15.91
C ASP A 78 0.50 0.64 16.88
N ARG A 79 1.36 1.15 17.77
CA ARG A 79 0.93 2.16 18.74
C ARG A 79 0.56 3.47 18.08
N PHE A 80 1.31 3.90 17.05
CA PHE A 80 0.94 5.11 16.31
C PHE A 80 -0.46 4.99 15.71
N ALA A 81 -0.78 3.82 15.14
CA ALA A 81 -2.10 3.64 14.54
C ALA A 81 -3.22 3.70 15.58
N ARG A 82 -2.94 3.23 16.81
CA ARG A 82 -3.90 3.29 17.90
C ARG A 82 -4.07 4.68 18.50
N GLN A 83 -3.12 5.58 18.29
CA GLN A 83 -3.12 6.86 19.00
C GLN A 83 -3.28 8.08 18.12
N PHE A 84 -2.87 8.05 16.85
CA PHE A 84 -2.66 9.30 16.10
C PHE A 84 -3.88 10.21 16.11
N PHE A 85 -5.07 9.64 16.25
CA PHE A 85 -6.31 10.38 16.11
C PHE A 85 -6.80 11.01 17.41
N GLN A 86 -6.09 10.81 18.52
CA GLN A 86 -6.62 11.13 19.84
C GLN A 86 -6.24 12.52 20.37
N GLY A 87 -5.39 13.27 19.68
CA GLY A 87 -5.06 14.63 20.08
C GLY A 87 -3.95 14.74 21.11
N THR A 88 -3.54 15.97 21.39
CA THR A 88 -2.33 16.23 22.19
C THR A 88 -2.41 15.74 23.63
N GLY A 89 -3.60 15.45 24.15
CA GLY A 89 -3.60 14.85 25.48
C GLY A 89 -3.04 13.43 25.58
N VAL A 90 -2.66 12.80 24.47
CA VAL A 90 -2.32 11.37 24.48
C VAL A 90 -0.92 11.21 23.90
N GLU A 91 0.00 10.70 24.72
CA GLU A 91 1.43 10.60 24.45
C GLU A 91 1.79 9.18 24.02
N PRO A 92 2.72 9.02 23.06
CA PRO A 92 3.47 10.11 22.42
C PRO A 92 2.98 10.56 21.05
N TYR A 93 1.88 9.98 20.55
CA TYR A 93 1.50 10.16 19.15
C TYR A 93 0.18 10.89 18.91
N GLY A 94 -0.62 11.15 19.95
CA GLY A 94 -1.94 11.76 19.73
C GLY A 94 -1.89 13.13 19.08
N LYS A 95 -0.78 13.85 19.26
CA LYS A 95 -0.67 15.21 18.71
C LYS A 95 -0.73 15.25 17.18
N TYR A 96 -0.48 14.13 16.50
CA TYR A 96 -0.52 14.17 15.04
C TYR A 96 -1.92 14.41 14.49
N ARG A 97 -2.96 14.28 15.33
CA ARG A 97 -4.32 14.67 14.97
C ARG A 97 -4.39 16.13 14.50
N ASP A 98 -3.50 16.99 14.99
CA ASP A 98 -3.58 18.42 14.70
C ASP A 98 -2.86 18.85 13.43
N LEU A 99 -2.22 17.94 12.71
CA LEU A 99 -1.49 18.30 11.49
C LEU A 99 -2.37 17.98 10.28
N SER A 100 -2.93 19.02 9.66
CA SER A 100 -3.80 18.87 8.49
C SER A 100 -2.98 19.05 7.22
N SER A 101 -3.65 18.94 6.06
CA SER A 101 -2.95 19.06 4.79
C SER A 101 -2.33 20.44 4.59
N GLU A 102 -2.90 21.46 5.23
CA GLU A 102 -2.35 22.81 5.13
C GLU A 102 -0.89 22.87 5.54
N HIS A 103 -0.52 22.13 6.60
CA HIS A 103 0.84 22.18 7.10
C HIS A 103 1.86 21.58 6.11
N PHE A 104 1.41 20.94 5.03
CA PHE A 104 2.31 20.25 4.12
C PHE A 104 2.28 20.76 2.68
N GLY A 105 1.39 21.68 2.34
CA GLY A 105 1.28 22.10 0.96
C GLY A 105 0.87 21.00 0.02
N ASP A 106 0.30 19.92 0.54
CA ASP A 106 -0.07 18.75 -0.24
C ASP A 106 -1.39 18.24 0.34
N GLU A 107 -2.46 18.32 -0.43
CA GLU A 107 -3.78 17.96 0.07
C GLU A 107 -3.89 16.50 0.48
N LEU A 108 -2.98 15.64 0.01
CA LEU A 108 -3.05 14.23 0.35
C LEU A 108 -2.61 13.94 1.78
N LEU A 109 -1.86 14.85 2.41
CA LEU A 109 -1.08 14.51 3.60
C LEU A 109 -1.74 15.00 4.88
N GLY A 110 -1.25 14.51 6.01
CA GLY A 110 -1.75 14.89 7.32
C GLY A 110 -2.96 14.08 7.74
N TYR A 111 -3.66 14.62 8.75
CA TYR A 111 -4.86 13.97 9.27
C TYR A 111 -6.05 14.19 8.34
N HIS A 112 -6.79 13.12 8.03
CA HIS A 112 -8.01 13.21 7.22
C HIS A 112 -9.11 12.35 7.84
N SER A 113 -10.26 12.96 8.14
CA SER A 113 -11.46 12.20 8.44
C SER A 113 -12.12 11.83 7.12
N ARG A 114 -12.40 10.55 6.91
CA ARG A 114 -13.07 10.12 5.68
C ARG A 114 -14.57 9.99 5.88
N VAL A 115 -15.27 9.78 4.76
CA VAL A 115 -16.71 9.60 4.81
C VAL A 115 -17.08 8.22 5.35
N ASP A 116 -16.20 7.23 5.24
CA ASP A 116 -16.45 5.92 5.82
C ASP A 116 -16.06 5.97 7.30
N GLN A 117 -16.06 4.81 7.98
CA GLN A 117 -15.62 4.79 9.38
C GLN A 117 -14.18 5.26 9.51
N LEU A 118 -13.38 5.12 8.45
CA LEU A 118 -11.94 5.35 8.50
C LEU A 118 -11.58 6.81 8.75
N GLU A 119 -10.59 7.03 9.61
CA GLU A 119 -9.80 8.26 9.65
C GLU A 119 -8.33 7.88 9.52
N GLN A 120 -7.51 8.80 8.99
CA GLN A 120 -6.15 8.45 8.58
C GLN A 120 -5.14 9.53 8.92
N PHE A 121 -3.88 9.12 9.09
CA PHE A 121 -2.75 10.04 8.98
C PHE A 121 -1.83 9.52 7.89
N LEU A 122 -1.57 10.37 6.90
CA LEU A 122 -0.83 10.04 5.69
C LEU A 122 0.38 10.96 5.57
N LEU A 123 1.55 10.39 5.34
CA LEU A 123 2.75 11.22 5.18
C LEU A 123 3.68 10.62 4.15
N GLU A 124 4.10 11.45 3.18
CA GLU A 124 5.04 11.01 2.15
C GLU A 124 6.47 11.11 2.67
N ARG A 125 7.34 10.26 2.11
CA ARG A 125 8.69 10.08 2.62
C ARG A 125 9.48 11.39 2.74
N ARG A 126 9.23 12.37 1.85
CA ARG A 126 10.04 13.59 1.93
C ARG A 126 9.84 14.34 3.24
N PHE A 127 8.79 14.05 4.00
CA PHE A 127 8.52 14.68 5.30
C PHE A 127 8.81 13.77 6.49
N TRP A 128 9.18 12.50 6.28
CA TRP A 128 9.28 11.57 7.41
C TRP A 128 10.30 12.06 8.43
N GLY A 129 11.51 12.41 7.97
CA GLY A 129 12.57 12.79 8.89
C GLY A 129 12.22 14.03 9.69
N GLU A 130 11.57 15.00 9.06
CA GLU A 130 11.28 16.26 9.71
C GLU A 130 10.04 16.19 10.62
N VAL A 131 9.06 15.34 10.29
CA VAL A 131 7.72 15.45 10.88
C VAL A 131 7.36 14.21 11.71
N TYR A 132 7.71 13.00 11.25
CA TYR A 132 7.37 11.82 12.03
C TYR A 132 8.29 11.69 13.25
N PRO A 133 7.84 10.99 14.29
CA PRO A 133 8.79 10.57 15.32
C PRO A 133 9.91 9.75 14.67
N SER A 134 11.11 9.86 15.24
CA SER A 134 12.27 9.22 14.61
C SER A 134 12.04 7.72 14.41
N GLU A 135 11.46 7.02 15.40
CA GLU A 135 11.27 5.59 15.25
C GLU A 135 10.20 5.26 14.20
N ILE A 136 9.32 6.20 13.89
CA ILE A 136 8.31 5.96 12.85
C ILE A 136 8.93 6.17 11.47
N ALA A 137 9.80 7.18 11.32
CA ALA A 137 10.53 7.31 10.07
C ALA A 137 11.44 6.09 9.82
N THR A 138 12.10 5.60 10.86
CA THR A 138 12.89 4.36 10.73
C THR A 138 12.03 3.22 10.19
N LEU A 139 10.85 3.01 10.79
CA LEU A 139 9.95 1.96 10.29
C LEU A 139 9.60 2.20 8.82
N GLY A 140 9.31 3.45 8.46
CA GLY A 140 9.03 3.75 7.06
C GLY A 140 10.19 3.38 6.15
N GLU A 141 11.43 3.61 6.60
CA GLU A 141 12.58 3.31 5.76
C GLU A 141 12.78 1.82 5.58
N HIS A 142 12.65 1.03 6.66
CA HIS A 142 12.68 -0.43 6.56
C HIS A 142 11.65 -0.93 5.56
N LEU A 143 10.40 -0.46 5.69
CA LEU A 143 9.35 -0.91 4.79
C LEU A 143 9.64 -0.48 3.34
N THR A 144 10.26 0.68 3.14
CA THR A 144 10.60 1.09 1.78
C THR A 144 11.57 0.10 1.13
N LEU A 145 12.59 -0.33 1.87
CA LEU A 145 13.56 -1.26 1.30
C LEU A 145 12.98 -2.68 1.14
N LEU A 146 12.13 -3.12 2.07
CA LEU A 146 11.44 -4.40 1.86
C LEU A 146 10.57 -4.36 0.61
N SER A 147 9.78 -3.28 0.47
CA SER A 147 8.88 -3.16 -0.68
C SER A 147 9.65 -3.05 -1.99
N HIS A 148 10.74 -2.28 -1.99
CA HIS A 148 11.66 -2.25 -3.13
C HIS A 148 12.06 -3.66 -3.55
N ARG A 149 12.41 -4.51 -2.59
CA ARG A 149 12.82 -5.87 -2.93
C ARG A 149 11.65 -6.66 -3.50
N VAL A 150 10.45 -6.50 -2.92
CA VAL A 150 9.25 -7.15 -3.45
C VAL A 150 8.99 -6.72 -4.89
N LEU A 151 9.01 -5.41 -5.14
CA LEU A 151 8.68 -4.90 -6.47
C LEU A 151 9.65 -5.40 -7.54
N ARG A 152 10.94 -5.48 -7.20
CA ARG A 152 11.92 -5.90 -8.21
C ARG A 152 11.72 -7.36 -8.58
N SER A 153 11.34 -8.17 -7.60
CA SER A 153 10.96 -9.55 -7.86
C SER A 153 9.75 -9.62 -8.82
N VAL A 154 8.78 -8.73 -8.65
CA VAL A 154 7.60 -8.75 -9.53
C VAL A 154 7.99 -8.29 -10.94
N LEU A 155 8.81 -7.25 -11.05
CA LEU A 155 9.17 -6.73 -12.36
C LEU A 155 9.94 -7.77 -13.18
N ALA A 156 10.82 -8.52 -12.52
CA ALA A 156 11.57 -9.57 -13.19
C ALA A 156 10.64 -10.69 -13.68
N SER A 157 9.66 -11.08 -12.87
CA SER A 157 8.76 -12.14 -13.31
C SER A 157 7.88 -11.69 -14.48
N ALA A 158 7.74 -10.40 -14.71
CA ALA A 158 6.93 -9.89 -15.81
C ALA A 158 7.69 -9.78 -17.12
N GLY A 159 8.99 -10.07 -17.12
CA GLY A 159 9.76 -9.95 -18.34
C GLY A 159 9.91 -8.54 -18.88
N ILE A 160 9.80 -7.52 -18.04
CA ILE A 160 10.14 -6.17 -18.47
C ILE A 160 11.65 -6.01 -18.42
N PRO A 161 12.29 -5.46 -19.46
CA PRO A 161 13.75 -5.29 -19.44
C PRO A 161 14.22 -4.43 -18.28
N GLU A 162 15.33 -4.84 -17.69
CA GLU A 162 15.82 -4.22 -16.47
C GLU A 162 16.11 -2.73 -16.66
N GLU A 163 16.61 -2.34 -17.83
CA GLU A 163 16.89 -0.92 -18.00
C GLU A 163 15.64 -0.08 -18.13
N ASP A 164 14.46 -0.69 -18.30
CA ASP A 164 13.23 0.08 -18.27
C ASP A 164 12.59 0.14 -16.87
N TRP A 165 13.13 -0.57 -15.87
CA TRP A 165 12.46 -0.66 -14.57
C TRP A 165 12.30 0.72 -13.93
N HIS A 166 13.35 1.55 -13.96
CA HIS A 166 13.29 2.81 -13.23
C HIS A 166 12.17 3.70 -13.74
N ARG A 167 12.07 3.86 -15.07
CA ARG A 167 11.02 4.71 -15.60
C ARG A 167 9.64 4.05 -15.50
N ALA A 168 9.58 2.73 -15.65
CA ALA A 168 8.30 2.03 -15.58
C ALA A 168 7.69 2.09 -14.18
N SER A 169 8.54 2.18 -13.15
CA SER A 169 8.10 2.14 -11.77
C SER A 169 8.06 3.52 -11.15
N GLY A 170 8.25 4.58 -11.94
CA GLY A 170 8.38 5.93 -11.43
C GLY A 170 9.41 6.04 -10.32
N GLY A 171 10.50 5.29 -10.40
CA GLY A 171 11.56 5.32 -9.40
C GLY A 171 11.49 4.26 -8.32
N CYS A 172 10.38 3.51 -8.22
CA CYS A 172 10.27 2.55 -7.13
C CYS A 172 11.13 1.31 -7.32
N SER A 173 11.64 1.04 -8.54
CA SER A 173 12.58 -0.06 -8.68
C SER A 173 13.92 0.25 -8.04
N GLU A 174 14.16 1.50 -7.69
CA GLU A 174 15.28 1.86 -6.83
C GLU A 174 14.68 2.42 -5.54
N THR A 175 15.09 3.62 -5.12
CA THR A 175 14.45 4.27 -3.97
C THR A 175 14.02 5.70 -4.27
N ASN A 176 13.67 5.99 -5.52
CA ASN A 176 13.27 7.33 -5.94
C ASN A 176 11.77 7.48 -6.16
N GLY A 177 10.95 6.53 -5.71
CA GLY A 177 9.51 6.67 -5.84
C GLY A 177 8.92 7.66 -4.84
N SER A 178 7.59 7.77 -4.88
CA SER A 178 6.83 8.39 -3.80
C SER A 178 6.36 7.31 -2.86
N TYR A 179 6.58 7.51 -1.56
CA TYR A 179 6.23 6.50 -0.56
C TYR A 179 5.38 7.14 0.51
N HIS A 180 4.20 6.59 0.75
CA HIS A 180 3.33 7.07 1.83
C HIS A 180 3.27 6.01 2.91
N LEU A 181 3.60 6.41 4.14
CA LEU A 181 3.33 5.60 5.33
C LEU A 181 2.07 6.16 5.98
N THR A 182 1.04 5.34 6.05
CA THR A 182 -0.34 5.78 6.23
C THR A 182 -0.96 4.97 7.35
N PHE A 183 -1.46 5.66 8.37
CA PHE A 183 -2.03 5.02 9.54
C PHE A 183 -3.56 5.15 9.51
N ASN A 184 -4.25 4.05 9.81
CA ASN A 184 -5.69 3.96 9.66
C ASN A 184 -6.36 3.65 11.01
N HIS A 185 -7.48 4.30 11.28
CA HIS A 185 -8.30 3.97 12.44
C HIS A 185 -9.77 3.98 12.04
N TYR A 186 -10.47 2.90 12.37
CA TYR A 186 -11.88 2.74 12.01
C TYR A 186 -12.74 3.11 13.22
N ARG A 187 -13.56 4.15 13.07
CA ARG A 187 -14.39 4.66 14.15
C ARG A 187 -15.67 3.84 14.18
N SER A 188 -15.74 2.86 15.07
CA SER A 188 -16.87 1.92 15.05
C SER A 188 -18.19 2.58 15.40
N ALA A 189 -18.17 3.79 15.99
CA ALA A 189 -19.41 4.51 16.26
C ALA A 189 -20.03 5.11 15.00
N HIS A 190 -19.28 5.23 13.91
CA HIS A 190 -19.84 5.74 12.68
C HIS A 190 -20.57 4.63 11.93
N GLN A 191 -21.81 4.90 11.52
CA GLN A 191 -22.65 3.90 10.84
C GLN A 191 -22.34 3.86 9.36
N ASP A 192 -21.09 3.59 9.04
CA ASP A 192 -20.63 3.48 7.65
C ASP A 192 -19.96 2.11 7.45
N ILE A 193 -19.71 1.78 6.19
CA ILE A 193 -18.75 0.71 5.94
C ILE A 193 -17.39 1.17 6.48
N GLY A 194 -16.54 0.20 6.82
CA GLY A 194 -15.22 0.54 7.34
C GLY A 194 -14.41 1.35 6.34
N LEU A 195 -14.27 0.81 5.12
CA LEU A 195 -13.61 1.50 4.02
C LEU A 195 -14.18 0.91 2.74
N SER A 196 -14.65 1.80 1.85
CA SER A 196 -15.32 1.38 0.63
C SER A 196 -14.41 0.55 -0.26
N SER A 197 -15.06 -0.29 -1.08
CA SER A 197 -14.39 -1.04 -2.14
C SER A 197 -13.50 -0.12 -2.99
N HIS A 198 -12.25 -0.54 -3.22
CA HIS A 198 -11.34 0.31 -3.98
C HIS A 198 -10.15 -0.50 -4.45
N LYS A 199 -9.38 0.11 -5.33
CA LYS A 199 -8.03 -0.34 -5.67
C LYS A 199 -7.05 0.72 -5.19
N ASP A 200 -5.90 0.30 -4.69
CA ASP A 200 -4.85 1.25 -4.33
C ASP A 200 -4.29 1.88 -5.60
N ASP A 201 -3.65 3.05 -5.43
CA ASP A 201 -3.20 3.82 -6.59
C ASP A 201 -1.95 3.24 -7.25
N GLY A 202 -1.05 2.66 -6.47
CA GLY A 202 0.36 2.58 -6.85
C GLY A 202 0.79 1.23 -7.35
N PHE A 203 2.03 0.87 -7.04
CA PHE A 203 2.56 -0.42 -7.50
C PHE A 203 2.41 -1.50 -6.45
N ILE A 204 2.87 -1.23 -5.22
CA ILE A 204 2.90 -2.20 -4.12
C ILE A 204 2.37 -1.52 -2.87
N THR A 205 1.46 -2.20 -2.17
CA THR A 205 1.06 -1.85 -0.81
C THR A 205 1.51 -2.97 0.12
N VAL A 206 2.22 -2.60 1.18
CA VAL A 206 2.56 -3.52 2.25
C VAL A 206 1.67 -3.15 3.42
N LEU A 207 0.75 -4.04 3.77
CA LEU A 207 -0.32 -3.76 4.69
C LEU A 207 -0.07 -4.53 5.98
N ARG A 208 -0.06 -3.81 7.11
CA ARG A 208 0.04 -4.43 8.43
C ARG A 208 -1.33 -4.41 9.11
N THR A 209 -1.93 -5.59 9.29
CA THR A 209 -3.21 -5.72 9.94
CA THR A 209 -3.21 -5.73 9.95
C THR A 209 -3.14 -6.84 10.99
N THR A 210 -3.76 -6.61 12.14
CA THR A 210 -3.78 -7.59 13.20
C THR A 210 -5.19 -7.97 13.63
N ALA A 211 -6.22 -7.47 12.94
CA ALA A 211 -7.61 -7.79 13.28
C ALA A 211 -8.43 -7.98 12.01
N GLN A 212 -9.48 -8.79 12.13
CA GLN A 212 -10.43 -9.03 11.05
C GLN A 212 -11.00 -7.73 10.49
N GLY A 213 -11.44 -7.80 9.24
CA GLY A 213 -12.13 -6.68 8.62
C GLY A 213 -11.80 -6.51 7.14
N LEU A 214 -10.56 -6.79 6.78
CA LEU A 214 -10.15 -6.69 5.38
C LEU A 214 -10.80 -7.80 4.57
N GLU A 215 -11.39 -7.42 3.44
CA GLU A 215 -12.00 -8.38 2.52
C GLU A 215 -11.49 -8.11 1.11
N VAL A 216 -11.40 -9.18 0.31
CA VAL A 216 -10.94 -9.06 -1.06
C VAL A 216 -11.95 -9.68 -2.01
N ASN A 217 -12.01 -9.11 -3.20
CA ASN A 217 -12.88 -9.61 -4.26
C ASN A 217 -11.99 -10.10 -5.40
N ARG A 218 -11.51 -11.33 -5.28
CA ARG A 218 -10.63 -11.91 -6.30
C ARG A 218 -11.40 -12.31 -7.55
N ASP A 219 -12.61 -12.84 -7.39
CA ASP A 219 -13.32 -13.43 -8.51
C ASP A 219 -14.83 -13.28 -8.32
N ASP A 220 -15.29 -12.05 -8.21
CA ASP A 220 -16.70 -11.70 -8.10
C ASP A 220 -17.37 -12.24 -6.84
N VAL A 221 -16.59 -12.65 -5.84
CA VAL A 221 -17.12 -12.96 -4.52
C VAL A 221 -16.21 -12.31 -3.47
N TRP A 222 -16.82 -11.60 -2.52
CA TRP A 222 -16.07 -11.02 -1.42
C TRP A 222 -15.63 -12.10 -0.45
N GLU A 223 -14.37 -12.05 -0.03
CA GLU A 223 -13.82 -13.02 0.90
C GLU A 223 -12.99 -12.34 1.98
N LYS A 224 -13.05 -12.88 3.19
CA LYS A 224 -12.26 -12.34 4.29
C LYS A 224 -10.79 -12.71 4.12
N VAL A 225 -9.91 -11.74 4.32
CA VAL A 225 -8.48 -12.05 4.35
C VAL A 225 -8.13 -12.60 5.73
N PRO A 226 -7.53 -13.79 5.81
CA PRO A 226 -7.22 -14.36 7.12
C PRO A 226 -6.25 -13.48 7.89
N VAL A 227 -6.44 -13.41 9.21
CA VAL A 227 -5.61 -12.59 10.06
C VAL A 227 -4.39 -13.40 10.48
N ASP A 228 -3.20 -12.86 10.23
CA ASP A 228 -1.96 -13.51 10.62
C ASP A 228 -1.00 -12.41 11.00
N PRO A 229 -0.91 -12.07 12.30
CA PRO A 229 -0.08 -10.93 12.72
C PRO A 229 1.41 -11.15 12.48
N ALA A 230 1.79 -12.35 12.01
CA ALA A 230 3.15 -12.67 11.61
C ALA A 230 3.42 -12.40 10.13
N CYS A 231 2.42 -11.98 9.36
CA CYS A 231 2.59 -11.65 7.95
C CYS A 231 2.06 -10.26 7.66
N PHE A 232 2.68 -9.60 6.67
CA PHE A 232 2.03 -8.50 5.99
C PHE A 232 1.08 -9.07 4.95
N VAL A 233 0.13 -8.24 4.54
CA VAL A 233 -0.64 -8.47 3.31
C VAL A 233 -0.03 -7.57 2.23
N VAL A 234 0.25 -8.14 1.08
CA VAL A 234 0.82 -7.39 -0.04
C VAL A 234 -0.22 -7.33 -1.15
N ASN A 235 -0.52 -6.15 -1.64
CA ASN A 235 -1.42 -5.93 -2.78
CA ASN A 235 -1.28 -6.14 -2.87
C ASN A 235 -0.67 -5.19 -3.88
N PHE A 236 -1.15 -5.35 -5.10
CA PHE A 236 -0.78 -4.51 -6.23
C PHE A 236 -1.82 -3.41 -6.39
N GLY A 237 -1.38 -2.24 -6.80
CA GLY A 237 -2.26 -1.13 -7.05
C GLY A 237 -2.52 -0.92 -8.52
N LEU A 238 -3.25 0.16 -8.82
CA LEU A 238 -3.64 0.43 -10.19
C LEU A 238 -2.42 0.59 -11.10
N SER A 239 -1.33 1.14 -10.58
CA SER A 239 -0.17 1.38 -11.42
C SER A 239 0.47 0.07 -11.87
N MET A 240 0.45 -0.95 -11.02
CA MET A 240 0.91 -2.27 -11.44
C MET A 240 0.01 -2.86 -12.53
N GLU A 241 -1.29 -2.64 -12.41
CA GLU A 241 -2.25 -3.16 -13.39
C GLU A 241 -2.06 -2.49 -14.74
N ILE A 242 -1.91 -1.17 -14.74
CA ILE A 242 -1.68 -0.44 -15.97
C ILE A 242 -0.37 -0.87 -16.62
N LEU A 243 0.71 -0.88 -15.84
CA LEU A 243 2.03 -1.24 -16.34
C LEU A 243 2.02 -2.57 -17.08
N THR A 244 1.35 -3.58 -16.52
CA THR A 244 1.39 -4.94 -17.04
C THR A 244 0.18 -5.30 -17.88
N SER A 245 -0.69 -4.35 -18.20
CA SER A 245 -1.96 -4.70 -18.84
C SER A 245 -1.76 -5.27 -20.24
N ALA A 246 -0.66 -4.93 -20.92
CA ALA A 246 -0.39 -5.46 -22.24
C ALA A 246 0.60 -6.62 -22.23
N CYS A 247 1.01 -7.09 -21.06
CA CYS A 247 1.92 -8.22 -20.98
C CYS A 247 1.17 -9.53 -21.24
N VAL A 248 1.93 -10.61 -21.37
CA VAL A 248 1.32 -11.91 -21.61
C VAL A 248 0.51 -12.34 -20.40
N THR A 249 0.99 -12.06 -19.19
CA THR A 249 0.29 -12.37 -17.95
C THR A 249 0.03 -11.06 -17.22
N PRO A 250 -1.05 -10.37 -17.53
CA PRO A 250 -1.34 -9.12 -16.82
C PRO A 250 -1.58 -9.40 -15.35
N LEU A 251 -1.17 -8.46 -14.52
CA LEU A 251 -1.33 -8.55 -13.08
C LEU A 251 -2.42 -7.56 -12.66
N SER A 252 -3.26 -7.96 -11.73
CA SER A 252 -4.40 -7.13 -11.39
C SER A 252 -4.19 -6.40 -10.06
N ALA A 253 -4.79 -5.22 -9.96
CA ALA A 253 -4.94 -4.53 -8.68
C ALA A 253 -6.15 -5.08 -7.94
N ILE A 254 -5.92 -5.68 -6.77
CA ILE A 254 -7.01 -6.38 -6.09
C ILE A 254 -8.03 -5.38 -5.56
N MET A 255 -9.30 -5.63 -5.87
CA MET A 255 -10.40 -4.92 -5.25
C MET A 255 -10.53 -5.34 -3.81
N HIS A 256 -10.57 -4.38 -2.88
CA HIS A 256 -10.67 -4.74 -1.47
C HIS A 256 -11.39 -3.64 -0.67
N ARG A 257 -11.80 -4.01 0.54
CA ARG A 257 -12.61 -3.11 1.37
C ARG A 257 -12.39 -3.53 2.81
N VAL A 258 -12.93 -2.72 3.73
CA VAL A 258 -12.98 -3.10 5.14
C VAL A 258 -14.44 -3.03 5.56
N SER A 259 -14.96 -4.16 6.05
CA SER A 259 -16.36 -4.21 6.43
C SER A 259 -16.63 -3.30 7.62
N HIS A 260 -17.91 -2.97 7.80
CA HIS A 260 -18.35 -2.20 8.94
C HIS A 260 -17.80 -2.82 10.22
N GLN A 261 -17.17 -1.99 11.03
CA GLN A 261 -16.56 -2.46 12.28
C GLN A 261 -17.49 -2.15 13.45
N ASN A 262 -17.76 -3.15 14.28
CA ASN A 262 -18.57 -2.94 15.48
C ASN A 262 -17.73 -2.60 16.70
N PHE A 263 -16.46 -2.94 16.70
CA PHE A 263 -15.48 -2.43 17.65
C PHE A 263 -14.40 -1.70 16.86
N ASP A 264 -13.62 -0.88 17.55
CA ASP A 264 -12.57 -0.13 16.88
C ASP A 264 -11.56 -1.06 16.22
N ARG A 265 -10.85 -0.52 15.21
CA ARG A 265 -9.86 -1.28 14.49
C ARG A 265 -8.82 -0.30 13.98
N SER A 266 -7.57 -0.73 13.93
CA SER A 266 -6.52 0.10 13.35
C SER A 266 -5.57 -0.79 12.54
N SER A 267 -4.80 -0.13 11.69
CA SER A 267 -3.87 -0.79 10.78
C SER A 267 -2.99 0.30 10.18
N PHE A 268 -1.97 -0.13 9.45
CA PHE A 268 -1.19 0.85 8.69
C PHE A 268 -0.59 0.15 7.48
N GLY A 269 -0.22 0.95 6.49
CA GLY A 269 0.35 0.43 5.27
C GLY A 269 1.43 1.36 4.74
N HIS A 270 2.31 0.75 3.94
CA HIS A 270 3.35 1.44 3.18
C HIS A 270 3.00 1.32 1.70
N PHE A 271 2.87 2.47 1.04
CA PHE A 271 2.37 2.58 -0.32
C PHE A 271 3.49 3.10 -1.21
N SER A 272 3.77 2.41 -2.32
CA SER A 272 4.78 2.81 -3.29
C SER A 272 4.11 3.29 -4.57
N SER A 273 4.41 4.51 -4.99
CA SER A 273 3.81 5.09 -6.17
C SER A 273 4.90 5.71 -7.03
N SER A 274 4.58 5.89 -8.30
CA SER A 274 5.45 6.67 -9.18
C SER A 274 5.61 8.05 -8.60
N ARG A 275 6.84 8.56 -8.60
CA ARG A 275 7.11 9.84 -7.96
C ARG A 275 6.05 10.87 -8.35
N CYS A 276 5.30 11.37 -7.36
CA CYS A 276 4.14 12.24 -7.58
C CYS A 276 4.22 13.51 -6.74
N LEU A 277 5.42 14.08 -6.64
CA LEU A 277 5.58 15.34 -5.93
C LEU A 277 4.78 16.44 -6.64
N PRO A 278 4.35 17.47 -5.91
CA PRO A 278 3.58 18.54 -6.58
C PRO A 278 4.31 19.16 -7.76
N GLY A 279 5.64 19.29 -7.69
CA GLY A 279 6.38 19.90 -8.78
C GLY A 279 7.09 18.94 -9.72
N ALA A 280 7.13 17.65 -9.38
CA ALA A 280 7.92 16.66 -10.11
C ALA A 280 7.14 15.34 -10.14
N ASP A 281 6.50 15.05 -11.29
CA ASP A 281 5.64 13.88 -11.48
C ASP A 281 6.28 12.98 -12.54
N ASP A 282 6.59 11.75 -12.16
CA ASP A 282 7.28 10.82 -13.07
C ASP A 282 6.36 10.11 -14.06
N GLY A 283 5.04 10.27 -13.96
CA GLY A 283 4.15 9.71 -14.97
C GLY A 283 3.82 8.24 -14.74
N ILE A 284 2.77 7.78 -15.41
CA ILE A 284 2.28 6.42 -15.33
C ILE A 284 2.39 5.81 -16.73
N TYR A 285 2.96 4.60 -16.80
CA TYR A 285 3.32 4.00 -18.09
C TYR A 285 2.74 2.59 -18.24
N ARG A 286 2.52 2.21 -19.48
CA ARG A 286 2.15 0.84 -19.83
C ARG A 286 3.27 0.24 -20.66
N TYR A 287 3.67 -0.98 -20.34
CA TYR A 287 4.76 -1.63 -21.07
C TYR A 287 4.20 -2.37 -22.28
N LEU A 288 4.70 -1.99 -23.46
CA LEU A 288 4.32 -2.65 -24.70
C LEU A 288 5.39 -3.66 -25.06
N PRO A 289 5.14 -4.96 -24.91
CA PRO A 289 6.19 -5.95 -25.19
C PRO A 289 6.79 -5.73 -26.56
N SER A 290 8.13 -5.80 -26.63
CA SER A 290 8.96 -5.65 -27.82
C SER A 290 9.08 -4.20 -28.28
N ALA A 291 8.42 -3.26 -27.60
CA ALA A 291 8.44 -1.86 -28.02
C ALA A 291 9.02 -0.94 -26.95
N GLY A 292 8.42 -0.90 -25.77
CA GLY A 292 8.90 -0.04 -24.70
C GLY A 292 7.72 0.52 -23.92
N LEU A 293 7.98 1.60 -23.19
CA LEU A 293 7.00 2.18 -22.30
C LEU A 293 6.22 3.29 -23.00
N GLU A 294 4.91 3.28 -22.83
CA GLU A 294 4.03 4.31 -23.34
C GLU A 294 3.32 5.01 -22.19
N ARG A 295 3.31 6.35 -22.21
CA ARG A 295 2.75 7.13 -21.11
C ARG A 295 1.22 7.08 -21.12
N VAL A 296 0.63 6.87 -19.96
CA VAL A 296 -0.82 6.78 -19.80
C VAL A 296 -1.41 8.03 -19.15
N CYS A 297 -0.84 8.46 -18.02
CA CYS A 297 -1.34 9.64 -17.31
C CYS A 297 -0.29 10.06 -16.28
N GLY A 298 -0.65 11.07 -15.46
CA GLY A 298 0.23 11.48 -14.39
C GLY A 298 0.03 10.65 -13.12
N SER A 299 1.05 10.64 -12.27
CA SER A 299 0.96 9.84 -11.07
C SER A 299 -0.02 10.46 -10.08
N ARG A 300 0.09 11.78 -9.84
CA ARG A 300 -0.86 12.45 -8.95
C ARG A 300 -2.25 12.47 -9.56
N GLU A 301 -2.32 12.67 -10.88
CA GLU A 301 -3.59 12.61 -11.59
C GLU A 301 -4.29 11.27 -11.37
N LEU A 302 -3.54 10.16 -11.40
CA LEU A 302 -4.16 8.86 -11.11
C LEU A 302 -4.68 8.80 -9.67
N ILE A 303 -3.92 9.35 -8.72
CA ILE A 303 -4.32 9.31 -7.31
C ILE A 303 -5.60 10.13 -7.10
N GLU A 304 -5.65 11.34 -7.66
CA GLU A 304 -6.85 12.18 -7.51
C GLU A 304 -8.06 11.52 -8.15
N GLU A 305 -7.89 10.96 -9.35
CA GLU A 305 -9.00 10.28 -10.00
C GLU A 305 -9.50 9.11 -9.17
N ASN A 306 -8.57 8.34 -8.59
CA ASN A 306 -8.93 7.14 -7.85
C ASN A 306 -9.57 7.48 -6.51
N ASP A 307 -9.00 8.44 -5.77
CA ASP A 307 -9.61 8.89 -4.51
C ASP A 307 -11.02 9.42 -4.73
N HIS A 308 -11.29 9.97 -5.92
CA HIS A 308 -12.63 10.45 -6.22
C HIS A 308 -13.64 9.31 -6.23
N GLU A 309 -13.37 8.26 -7.01
CA GLU A 309 -14.35 7.19 -7.18
C GLU A 309 -14.51 6.35 -5.92
N ILE A 310 -13.47 6.27 -5.09
CA ILE A 310 -13.56 5.53 -3.84
C ILE A 310 -14.68 6.07 -2.97
N TYR A 311 -14.66 7.38 -2.73
CA TYR A 311 -15.48 7.99 -1.68
C TYR A 311 -16.76 8.63 -2.20
N MET A 312 -16.80 9.14 -3.42
CA MET A 312 -18.03 9.70 -3.96
C MET A 312 -18.24 9.24 -5.39
#